data_8K0S
#
_entry.id   8K0S
#
_cell.length_a   1.00
_cell.length_b   1.00
_cell.length_c   1.00
_cell.angle_alpha   90.00
_cell.angle_beta   90.00
_cell.angle_gamma   90.00
#
_symmetry.space_group_name_H-M   'P 1'
#
loop_
_entity.id
_entity.type
_entity.pdbx_description
1 polymer 'RNA (543-MER)'
2 non-polymer 'MAGNESIUM ION'
#
_entity_poly.entity_id   1
_entity_poly.type   'polyribonucleotide'
_entity_poly.pdbx_seq_one_letter_code
;GUGCGCUCGGCAUGGGUGCAAUCUCUAGGGUGAAAGUCCCGAACUGCGAAGGCAGAAGUAGCAGUUAGCUUAACGCAAGG
GUGUCCGUGGUGACGCGGAAUCUGAAGGAAGCGGGCGGCAAACUUCCGGUCUGAGGAACACGAACUUCAUAUAAGGCUAG
GUAUCAUUGGAUGAGUUUGCCGCUAAGACAAAACAAAGUCCUUUCUGCCGAAGGUGAUACAGAGUAAAUGAAGCAGAUAG
AUGGAAGGAAAGAUUGUACUCUUACCCGAGGAGGUCUGAUGGAUACGUGAAGUGCGCUUCAUAACCUACUUAGUGAUAAG
UAACUGAACCAUCAGAAGUCAGCAGAGGUCAUAGUACGAAUCGGUCUAGAACGAUUCGGAAGGACUGAACAAUCAAGAGA
AAAUAGCCCUUGGCAUUCAGUACGUCAUGAUGAACACAGAAAACAUGGUACCUCCCAAGAGAAAGGAAACGGUGAAUCCC
GUGGGAAUCUUUUGGAGGGUGGAGUGACGACUGGCAUAAGAAGAUCAGCUAUUUACGGAAGGAAGCUUGCGUCAUUAUCU
UGAUUGAACCGCCGUAUACGGAACCGUACGUACGGUGGUGUGAGAGGACGGAGGUUAAUCACCUCCUCCUACUCGAU
;
_entity_poly.pdbx_strand_id   A,C
#
loop_
_chem_comp.id
_chem_comp.type
_chem_comp.name
_chem_comp.formula
A RNA linking ADENOSINE-5'-MONOPHOSPHATE 'C10 H14 N5 O7 P'
C RNA linking CYTIDINE-5'-MONOPHOSPHATE 'C9 H14 N3 O8 P'
G RNA linking GUANOSINE-5'-MONOPHOSPHATE 'C10 H14 N5 O8 P'
MG non-polymer 'MAGNESIUM ION' 'Mg 2'
U RNA linking URIDINE-5'-MONOPHOSPHATE 'C9 H13 N2 O9 P'
#
# COMPACT_ATOMS: atom_id res chain seq x y z
MG MG C . -43.72 26.07 27.13
MG MG D . 43.72 -26.07 -27.13
#